data_7M77
#
_entry.id   7M77
#
_entity_poly.entity_id   1
_entity_poly.type   'polypeptide(L)'
_entity_poly.pdbx_seq_one_letter_code
;GILDIKNKVSNLF(NH2)
;
_entity_poly.pdbx_strand_id   A
#
loop_
_chem_comp.id
_chem_comp.type
_chem_comp.name
_chem_comp.formula
NH2 non-polymer 'AMINO GROUP' 'H2 N'
#
# COMPACT_ATOMS: atom_id res chain seq x y z
N GLY A 1 9.44 -0.52 -1.43
CA GLY A 1 9.25 0.55 -0.42
C GLY A 1 8.18 0.21 0.59
N ILE A 2 8.39 0.63 1.83
CA ILE A 2 7.47 0.33 2.91
C ILE A 2 6.27 1.27 2.87
N LEU A 3 6.38 2.34 2.11
CA LEU A 3 5.25 3.23 1.89
C LEU A 3 4.42 2.70 0.75
N ASP A 4 5.07 1.91 -0.09
CA ASP A 4 4.43 1.29 -1.24
C ASP A 4 3.53 0.14 -0.80
N ILE A 5 3.98 -0.61 0.20
CA ILE A 5 3.17 -1.71 0.72
C ILE A 5 1.91 -1.16 1.37
N LYS A 6 2.04 0.00 2.01
CA LYS A 6 0.92 0.71 2.58
C LYS A 6 0.01 1.19 1.44
N ASN A 7 0.64 1.71 0.41
CA ASN A 7 -0.06 2.22 -0.77
C ASN A 7 -0.90 1.14 -1.44
N LYS A 8 -0.32 -0.03 -1.59
CA LYS A 8 -0.97 -1.14 -2.26
C LYS A 8 -2.10 -1.72 -1.43
N VAL A 9 -1.87 -1.89 -0.13
CA VAL A 9 -2.93 -2.36 0.76
C VAL A 9 -4.09 -1.36 0.74
N SER A 10 -3.75 -0.08 0.79
CA SER A 10 -4.74 0.98 0.71
C SER A 10 -5.49 0.96 -0.62
N ASN A 11 -4.76 0.65 -1.69
CA ASN A 11 -5.34 0.54 -3.02
C ASN A 11 -6.34 -0.60 -3.08
N LEU A 12 -5.90 -1.76 -2.61
CA LEU A 12 -6.72 -2.97 -2.62
C LEU A 12 -8.08 -2.75 -1.97
N PHE A 13 -8.11 -1.93 -0.93
CA PHE A 13 -9.36 -1.60 -0.28
C PHE A 13 -10.10 -0.51 -1.04
N NH2 A 14 -9.39 0.38 -1.70
HN1 NH2 A 14 -9.38 1.31 -1.38
HN2 NH2 A 14 -8.76 0.05 -2.39
N GLY A 1 9.16 0.91 -1.20
CA GLY A 1 9.42 0.88 0.25
C GLY A 1 8.17 0.57 1.05
N ILE A 2 8.21 0.86 2.34
CA ILE A 2 7.10 0.55 3.24
C ILE A 2 5.88 1.41 2.94
N LEU A 3 6.10 2.56 2.31
CA LEU A 3 4.99 3.41 1.91
C LEU A 3 4.28 2.82 0.72
N ASP A 4 5.03 2.06 -0.05
CA ASP A 4 4.51 1.44 -1.26
C ASP A 4 3.68 0.21 -0.92
N ILE A 5 4.14 -0.54 0.07
CA ILE A 5 3.41 -1.72 0.51
C ILE A 5 2.11 -1.30 1.19
N LYS A 6 2.16 -0.15 1.88
CA LYS A 6 0.97 0.42 2.50
C LYS A 6 0.04 0.96 1.42
N ASN A 7 0.64 1.55 0.39
CA ASN A 7 -0.12 2.09 -0.74
C ASN A 7 -0.92 0.98 -1.39
N LYS A 8 -0.29 -0.17 -1.57
CA LYS A 8 -0.94 -1.32 -2.17
C LYS A 8 -2.10 -1.80 -1.30
N VAL A 9 -1.85 -1.97 -0.01
CA VAL A 9 -2.90 -2.35 0.94
C VAL A 9 -4.06 -1.38 0.85
N SER A 10 -3.74 -0.09 0.84
CA SER A 10 -4.74 0.97 0.74
C SER A 10 -5.49 0.87 -0.58
N ASN A 11 -4.74 0.68 -1.66
CA ASN A 11 -5.30 0.56 -3.00
C ASN A 11 -6.22 -0.65 -3.10
N LEU A 12 -5.84 -1.73 -2.42
CA LEU A 12 -6.65 -2.95 -2.38
C LEU A 12 -8.09 -2.66 -1.96
N PHE A 13 -8.27 -1.71 -1.04
CA PHE A 13 -9.59 -1.35 -0.56
C PHE A 13 -10.33 -0.54 -1.62
N NH2 A 14 -9.65 0.33 -2.35
HN1 NH2 A 14 -8.88 -0.02 -2.86
HN2 NH2 A 14 -9.80 1.28 -2.19
N GLY A 1 9.41 0.82 -1.06
CA GLY A 1 9.55 0.79 0.41
C GLY A 1 8.28 0.33 1.09
N ILE A 2 8.15 0.64 2.37
CA ILE A 2 7.00 0.22 3.15
C ILE A 2 5.79 1.09 2.85
N LEU A 3 6.03 2.34 2.47
CA LEU A 3 4.95 3.24 2.12
C LEU A 3 4.24 2.73 0.88
N ASP A 4 5.00 2.00 0.08
CA ASP A 4 4.51 1.42 -1.15
C ASP A 4 3.59 0.24 -0.87
N ILE A 5 3.99 -0.62 0.07
CA ILE A 5 3.15 -1.76 0.43
C ILE A 5 1.90 -1.26 1.13
N LYS A 6 2.07 -0.19 1.91
CA LYS A 6 0.94 0.50 2.52
C LYS A 6 0.01 1.03 1.44
N ASN A 7 0.62 1.60 0.40
CA ASN A 7 -0.10 2.17 -0.74
C ASN A 7 -0.91 1.09 -1.45
N LYS A 8 -0.30 -0.07 -1.62
CA LYS A 8 -0.94 -1.20 -2.28
C LYS A 8 -2.10 -1.72 -1.47
N VAL A 9 -1.92 -1.84 -0.15
CA VAL A 9 -3.01 -2.28 0.72
C VAL A 9 -4.16 -1.27 0.66
N SER A 10 -3.81 0.01 0.64
CA SER A 10 -4.79 1.07 0.50
C SER A 10 -5.52 0.95 -0.85
N ASN A 11 -4.76 0.65 -1.88
CA ASN A 11 -5.32 0.42 -3.22
C ASN A 11 -6.26 -0.77 -3.21
N LEU A 12 -5.82 -1.83 -2.54
CA LEU A 12 -6.63 -3.04 -2.38
C LEU A 12 -7.95 -2.73 -1.66
N PHE A 13 -7.91 -1.80 -0.72
CA PHE A 13 -9.11 -1.36 -0.03
C PHE A 13 -9.95 -0.48 -0.94
N NH2 A 14 -9.34 0.31 -1.80
HN1 NH2 A 14 -9.88 0.73 -2.50
HN2 NH2 A 14 -8.41 0.57 -1.61
N GLY A 1 9.36 1.03 -1.16
CA GLY A 1 9.50 1.05 0.31
C GLY A 1 8.25 0.58 1.02
N ILE A 2 8.16 0.86 2.31
CA ILE A 2 7.04 0.43 3.12
C ILE A 2 5.79 1.24 2.80
N LEU A 3 5.97 2.51 2.45
CA LEU A 3 4.85 3.36 2.08
C LEU A 3 4.23 2.87 0.79
N ASP A 4 5.00 2.10 0.05
CA ASP A 4 4.55 1.48 -1.19
C ASP A 4 3.64 0.30 -0.89
N ILE A 5 4.07 -0.55 0.03
CA ILE A 5 3.29 -1.72 0.39
C ILE A 5 2.01 -1.29 1.11
N LYS A 6 2.10 -0.19 1.85
CA LYS A 6 0.94 0.41 2.48
C LYS A 6 0.01 0.97 1.41
N ASN A 7 0.60 1.53 0.37
CA ASN A 7 -0.15 2.06 -0.76
C ASN A 7 -0.91 0.95 -1.46
N LYS A 8 -0.28 -0.20 -1.58
CA LYS A 8 -0.88 -1.37 -2.20
C LYS A 8 -2.09 -1.84 -1.40
N VAL A 9 -1.93 -1.94 -0.08
CA VAL A 9 -3.02 -2.33 0.79
C VAL A 9 -4.16 -1.32 0.70
N SER A 10 -3.81 -0.05 0.73
CA SER A 10 -4.78 1.03 0.59
C SER A 10 -5.51 0.95 -0.75
N ASN A 11 -4.74 0.67 -1.80
CA ASN A 11 -5.28 0.48 -3.13
C ASN A 11 -6.24 -0.69 -3.15
N LEU A 12 -5.81 -1.79 -2.54
CA LEU A 12 -6.66 -2.98 -2.39
C LEU A 12 -8.00 -2.64 -1.77
N PHE A 13 -7.98 -1.74 -0.79
CA PHE A 13 -9.20 -1.25 -0.19
C PHE A 13 -9.71 -0.03 -0.95
N NH2 A 14 -9.78 -0.09 -2.27
HN1 NH2 A 14 -10.68 -0.21 -2.67
HN2 NH2 A 14 -8.96 -0.29 -2.75
N GLY A 1 9.48 1.03 -0.83
CA GLY A 1 9.55 0.91 0.64
C GLY A 1 8.23 0.51 1.26
N ILE A 2 8.08 0.74 2.55
CA ILE A 2 6.88 0.35 3.27
C ILE A 2 5.70 1.23 2.89
N LEU A 3 5.99 2.45 2.45
CA LEU A 3 4.93 3.38 2.07
C LEU A 3 4.29 2.98 0.75
N ASP A 4 4.95 2.09 0.05
CA ASP A 4 4.42 1.56 -1.20
C ASP A 4 3.59 0.31 -0.92
N ILE A 5 4.08 -0.55 -0.04
CA ILE A 5 3.36 -1.76 0.32
C ILE A 5 2.08 -1.39 1.08
N LYS A 6 2.14 -0.26 1.79
CA LYS A 6 0.99 0.29 2.46
C LYS A 6 0.02 0.87 1.43
N ASN A 7 0.59 1.46 0.38
CA ASN A 7 -0.19 2.02 -0.71
C ASN A 7 -0.93 0.91 -1.44
N LYS A 8 -0.26 -0.24 -1.56
CA LYS A 8 -0.87 -1.43 -2.14
C LYS A 8 -2.09 -1.84 -1.31
N VAL A 9 -1.93 -1.85 0.01
CA VAL A 9 -3.03 -2.17 0.91
C VAL A 9 -4.19 -1.20 0.73
N SER A 10 -3.87 0.08 0.75
CA SER A 10 -4.85 1.13 0.57
C SER A 10 -5.51 1.00 -0.80
N ASN A 11 -4.70 0.71 -1.79
CA ASN A 11 -5.17 0.46 -3.16
C ASN A 11 -6.20 -0.67 -3.17
N LEU A 12 -5.81 -1.79 -2.57
CA LEU A 12 -6.67 -2.97 -2.47
C LEU A 12 -8.02 -2.64 -1.82
N PHE A 13 -8.02 -1.72 -0.86
CA PHE A 13 -9.25 -1.31 -0.20
C PHE A 13 -10.13 -0.50 -1.13
N NH2 A 14 -9.57 0.18 -2.11
HN1 NH2 A 14 -8.69 -0.12 -2.43
HN2 NH2 A 14 -9.95 1.05 -2.35
N GLY A 1 9.41 0.77 -0.36
CA GLY A 1 9.37 0.78 1.12
C GLY A 1 8.02 0.33 1.66
N ILE A 2 7.81 0.55 2.94
CA ILE A 2 6.58 0.15 3.59
C ILE A 2 5.42 1.04 3.16
N LEU A 3 5.72 2.30 2.86
CA LEU A 3 4.71 3.24 2.39
C LEU A 3 4.21 2.80 1.03
N ASP A 4 5.05 2.08 0.33
CA ASP A 4 4.75 1.58 -1.00
C ASP A 4 3.85 0.36 -0.91
N ILE A 5 4.14 -0.52 0.04
CA ILE A 5 3.31 -1.70 0.25
C ILE A 5 1.98 -1.28 0.87
N LYS A 6 2.02 -0.26 1.70
CA LYS A 6 0.82 0.29 2.32
C LYS A 6 -0.03 0.97 1.25
N ASN A 7 0.65 1.47 0.23
CA ASN A 7 -0.01 2.05 -0.93
C ASN A 7 -0.84 0.99 -1.65
N LYS A 8 -0.28 -0.20 -1.76
CA LYS A 8 -0.97 -1.33 -2.36
C LYS A 8 -2.12 -1.78 -1.47
N VAL A 9 -1.87 -1.82 -0.17
CA VAL A 9 -2.91 -2.15 0.80
C VAL A 9 -4.06 -1.15 0.67
N SER A 10 -3.71 0.13 0.59
CA SER A 10 -4.69 1.19 0.42
C SER A 10 -5.48 0.99 -0.88
N ASN A 11 -4.76 0.64 -1.93
CA ASN A 11 -5.37 0.36 -3.23
C ASN A 11 -6.35 -0.80 -3.12
N LEU A 12 -5.90 -1.86 -2.47
CA LEU A 12 -6.73 -3.04 -2.22
C LEU A 12 -8.07 -2.67 -1.57
N PHE A 13 -8.02 -1.77 -0.59
CA PHE A 13 -9.23 -1.31 0.07
C PHE A 13 -9.97 -0.31 -0.81
N NH2 A 14 -9.39 0.83 -1.12
HN1 NH2 A 14 -8.41 0.89 -0.99
HN2 NH2 A 14 -9.89 1.47 -1.66
N GLY A 1 8.35 -0.88 -1.76
CA GLY A 1 8.71 -0.09 -0.56
C GLY A 1 7.78 -0.38 0.60
N ILE A 2 8.02 0.26 1.73
CA ILE A 2 7.25 0.01 2.93
C ILE A 2 6.00 0.89 2.95
N LEU A 3 6.14 2.15 2.55
CA LEU A 3 4.99 3.02 2.41
C LEU A 3 4.28 2.69 1.11
N ASP A 4 5.07 2.17 0.20
CA ASP A 4 4.59 1.72 -1.10
C ASP A 4 3.74 0.46 -0.97
N ILE A 5 4.14 -0.45 -0.08
CA ILE A 5 3.36 -1.65 0.15
C ILE A 5 2.07 -1.28 0.87
N LYS A 6 2.13 -0.21 1.66
CA LYS A 6 0.95 0.32 2.34
C LYS A 6 0.02 0.94 1.30
N ASN A 7 0.62 1.54 0.28
CA ASN A 7 -0.13 2.12 -0.83
C ASN A 7 -0.92 1.04 -1.55
N LYS A 8 -0.33 -0.15 -1.62
CA LYS A 8 -0.99 -1.28 -2.24
C LYS A 8 -2.12 -1.80 -1.35
N VAL A 9 -1.91 -1.71 -0.04
CA VAL A 9 -2.96 -2.04 0.92
C VAL A 9 -4.14 -1.09 0.73
N SER A 10 -3.84 0.21 0.67
CA SER A 10 -4.84 1.22 0.40
C SER A 10 -5.53 0.95 -0.94
N ASN A 11 -4.73 0.59 -1.93
CA ASN A 11 -5.21 0.22 -3.25
C ASN A 11 -6.23 -0.91 -3.16
N LEU A 12 -5.86 -1.95 -2.41
CA LEU A 12 -6.72 -3.11 -2.19
C LEU A 12 -8.09 -2.70 -1.67
N PHE A 13 -8.12 -1.82 -0.68
CA PHE A 13 -9.38 -1.36 -0.12
C PHE A 13 -10.08 -0.41 -1.08
N NH2 A 14 -9.36 0.48 -1.74
HN1 NH2 A 14 -9.83 1.23 -2.14
HN2 NH2 A 14 -8.38 0.45 -1.62
N GLY A 1 9.11 -0.04 -1.10
CA GLY A 1 9.34 0.17 0.35
C GLY A 1 8.05 0.11 1.14
N ILE A 2 8.09 0.61 2.36
CA ILE A 2 6.96 0.54 3.27
C ILE A 2 5.82 1.45 2.81
N LEU A 3 6.17 2.61 2.26
CA LEU A 3 5.16 3.53 1.75
C LEU A 3 4.47 2.97 0.52
N ASP A 4 5.09 1.93 -0.03
CA ASP A 4 4.55 1.26 -1.20
C ASP A 4 3.62 0.13 -0.79
N ILE A 5 4.02 -0.62 0.23
CA ILE A 5 3.20 -1.72 0.72
C ILE A 5 1.90 -1.19 1.33
N LYS A 6 2.01 -0.08 2.06
CA LYS A 6 0.84 0.58 2.62
C LYS A 6 -0.03 1.10 1.49
N ASN A 7 0.62 1.60 0.45
CA ASN A 7 -0.05 2.09 -0.74
C ASN A 7 -0.90 1.00 -1.38
N LYS A 8 -0.30 -0.14 -1.59
CA LYS A 8 -0.95 -1.25 -2.26
C LYS A 8 -2.11 -1.79 -1.44
N VAL A 9 -1.89 -1.97 -0.13
CA VAL A 9 -2.96 -2.44 0.75
C VAL A 9 -4.12 -1.46 0.75
N SER A 10 -3.80 -0.17 0.80
CA SER A 10 -4.81 0.87 0.77
C SER A 10 -5.52 0.87 -0.58
N ASN A 11 -4.72 0.70 -1.63
CA ASN A 11 -5.22 0.61 -3.00
C ASN A 11 -6.26 -0.50 -3.14
N LEU A 12 -5.89 -1.67 -2.63
CA LEU A 12 -6.76 -2.85 -2.68
C LEU A 12 -8.12 -2.58 -2.02
N PHE A 13 -8.12 -1.82 -0.94
CA PHE A 13 -9.36 -1.50 -0.24
C PHE A 13 -9.96 -0.20 -0.78
N NH2 A 14 -9.22 0.56 -1.56
HN1 NH2 A 14 -9.50 0.67 -2.49
HN2 NH2 A 14 -8.32 0.75 -1.05
N GLY A 1 9.37 0.13 -0.88
CA GLY A 1 9.50 0.13 0.59
C GLY A 1 8.16 -0.06 1.30
N ILE A 2 8.10 0.35 2.56
CA ILE A 2 6.94 0.15 3.38
C ILE A 2 5.81 1.10 2.99
N LEU A 3 6.16 2.32 2.62
CA LEU A 3 5.15 3.30 2.22
C LEU A 3 4.52 2.88 0.90
N ASP A 4 5.21 1.99 0.20
CA ASP A 4 4.75 1.48 -1.08
C ASP A 4 3.81 0.30 -0.87
N ILE A 5 4.13 -0.55 0.11
CA ILE A 5 3.28 -1.69 0.42
C ILE A 5 1.97 -1.20 1.04
N LYS A 6 2.07 -0.09 1.79
CA LYS A 6 0.90 0.55 2.36
C LYS A 6 0.02 1.10 1.24
N ASN A 7 0.66 1.59 0.18
CA ASN A 7 -0.05 2.06 -1.00
C ASN A 7 -0.90 0.95 -1.58
N LYS A 8 -0.30 -0.22 -1.69
CA LYS A 8 -0.97 -1.39 -2.23
C LYS A 8 -2.15 -1.80 -1.37
N VAL A 9 -1.92 -1.86 -0.05
CA VAL A 9 -2.98 -2.21 0.89
C VAL A 9 -4.18 -1.27 0.76
N SER A 10 -3.89 0.03 0.75
CA SER A 10 -4.94 1.03 0.65
C SER A 10 -5.62 0.94 -0.71
N ASN A 11 -4.81 0.72 -1.75
CA ASN A 11 -5.31 0.56 -3.11
C ASN A 11 -6.29 -0.60 -3.19
N LEU A 12 -5.91 -1.71 -2.58
CA LEU A 12 -6.77 -2.90 -2.51
C LEU A 12 -8.14 -2.56 -1.95
N PHE A 13 -8.17 -1.97 -0.75
CA PHE A 13 -9.42 -1.61 -0.11
C PHE A 13 -10.03 -0.37 -0.77
N NH2 A 14 -9.35 0.23 -1.73
HN1 NH2 A 14 -8.52 0.69 -1.47
HN2 NH2 A 14 -9.53 -0.07 -2.65
N GLY A 1 9.36 -1.10 -0.65
CA GLY A 1 9.23 -0.01 0.35
C GLY A 1 7.96 -0.14 1.17
N ILE A 2 7.98 0.38 2.39
CA ILE A 2 6.87 0.24 3.31
C ILE A 2 5.73 1.16 2.92
N LEU A 3 6.06 2.39 2.50
CA LEU A 3 5.04 3.35 2.09
C LEU A 3 4.33 2.86 0.83
N ASP A 4 5.08 2.11 0.05
CA ASP A 4 4.58 1.55 -1.20
C ASP A 4 3.71 0.35 -0.92
N ILE A 5 4.17 -0.53 -0.06
CA ILE A 5 3.43 -1.75 0.27
C ILE A 5 2.15 -1.40 1.02
N LYS A 6 2.19 -0.30 1.77
CA LYS A 6 1.02 0.22 2.45
C LYS A 6 0.06 0.81 1.43
N ASN A 7 0.63 1.46 0.43
CA ASN A 7 -0.15 2.10 -0.63
C ASN A 7 -0.91 1.04 -1.41
N LYS A 8 -0.33 -0.14 -1.47
CA LYS A 8 -0.98 -1.28 -2.10
C LYS A 8 -2.17 -1.73 -1.27
N VAL A 9 -2.00 -1.79 0.05
CA VAL A 9 -3.10 -2.13 0.95
C VAL A 9 -4.27 -1.16 0.75
N SER A 10 -3.93 0.12 0.72
CA SER A 10 -4.91 1.17 0.49
C SER A 10 -5.60 0.99 -0.87
N ASN A 11 -4.81 0.64 -1.86
CA ASN A 11 -5.28 0.39 -3.21
C ASN A 11 -6.22 -0.82 -3.21
N LEU A 12 -5.83 -1.84 -2.48
CA LEU A 12 -6.63 -3.05 -2.33
C LEU A 12 -8.03 -2.72 -1.81
N PHE A 13 -8.09 -1.80 -0.84
CA PHE A 13 -9.37 -1.37 -0.31
C PHE A 13 -9.96 -0.27 -1.17
N NH2 A 14 -9.20 0.31 -2.08
HN1 NH2 A 14 -8.41 0.79 -1.76
HN2 NH2 A 14 -9.29 0.00 -3.00
#